data_3BYU
#
_entry.id   3BYU
#
_cell.length_a   44.12
_cell.length_b   73.72
_cell.length_c   101.50
_cell.angle_alpha   90
_cell.angle_beta   90
_cell.angle_gamma   90
#
_symmetry.space_group_name_H-M   'P 21 21 21'
#
loop_
_entity.id
_entity.type
_entity.pdbx_description
1 polymer 'Proto-oncogene tyrosine-protein kinase LCK'
2 non-polymer 2-methyl-N-{4-methyl-3-[(2-{[4-(4-methylpiperazin-1-yl)phenyl]amino}pyrimidin-5-yl)carbamoyl]phenyl}-3-(trifluoromethyl)benzamide
3 water water
#
_entity_poly.entity_id   1
_entity_poly.type   'polypeptide(L)'
_entity_poly.pdbx_seq_one_letter_code
;QTQKPQKPWWEDEWEVPRETLKLVERLGAGQFGEVWMGYYNGHTKVAVKSLKQGSMSPDAFLAEANLMKQLQHQRLVRLY
AVVTQEPIYIITEYMENGSLVDFLKTPSGIKLTINKLLDMAAQIAEGMAFIEERNYIHRDLRAANILVSDTLSCKIADFG
LARLIEDNEYTAREGAKFPIKWTAPEAINYGTFTIKSDVWSFGILLTEIVTHGRIPYPGMTNPEVIQNLERGYRMVRPDN
CPEELYQLMRLCWKERPEDRPTFDYLRSVLEDFFTAT
;
_entity_poly.pdbx_strand_id   A
#
# COMPACT_ATOMS: atom_id res chain seq x y z
N LYS A 7 -27.77 -4.84 -20.02
CA LYS A 7 -26.40 -4.64 -20.58
C LYS A 7 -26.01 -5.97 -21.21
N PRO A 8 -25.16 -5.94 -22.26
CA PRO A 8 -24.76 -7.21 -22.90
C PRO A 8 -23.86 -8.08 -22.01
N TRP A 9 -23.88 -9.40 -22.24
CA TRP A 9 -23.09 -10.34 -21.45
C TRP A 9 -21.56 -10.19 -21.59
N TRP A 10 -21.11 -9.64 -22.72
CA TRP A 10 -19.67 -9.46 -22.94
C TRP A 10 -19.04 -8.22 -22.27
N GLU A 11 -19.84 -7.56 -21.43
CA GLU A 11 -19.39 -6.39 -20.70
C GLU A 11 -19.68 -6.50 -19.22
N ASP A 12 -18.78 -5.91 -18.47
CA ASP A 12 -18.83 -5.82 -17.03
C ASP A 12 -19.87 -4.80 -16.55
N GLU A 13 -20.41 -5.03 -15.35
CA GLU A 13 -21.40 -4.12 -14.75
C GLU A 13 -20.75 -2.73 -14.58
N TRP A 14 -19.43 -2.73 -14.43
CA TRP A 14 -18.63 -1.53 -14.23
C TRP A 14 -17.97 -1.04 -15.51
N GLU A 15 -18.49 -1.49 -16.65
CA GLU A 15 -17.96 -1.12 -17.97
C GLU A 15 -18.21 0.37 -18.36
N VAL A 16 -17.28 0.94 -19.13
CA VAL A 16 -17.37 2.29 -19.71
C VAL A 16 -16.69 2.21 -21.06
N PRO A 17 -17.17 2.97 -22.05
CA PRO A 17 -16.55 2.95 -23.37
C PRO A 17 -15.15 3.54 -23.27
N ARG A 18 -14.19 2.97 -23.99
CA ARG A 18 -12.82 3.45 -23.96
C ARG A 18 -12.80 4.93 -24.36
N GLU A 19 -13.68 5.29 -25.27
CA GLU A 19 -13.78 6.67 -25.77
C GLU A 19 -13.99 7.72 -24.67
N THR A 20 -14.45 7.32 -23.48
CA THR A 20 -14.66 8.30 -22.43
C THR A 20 -13.35 8.55 -21.67
N LEU A 21 -12.29 7.88 -22.12
CA LEU A 21 -11.00 8.01 -21.48
C LEU A 21 -9.91 8.52 -22.40
N LYS A 22 -9.07 9.39 -21.85
CA LYS A 22 -7.93 9.93 -22.57
C LYS A 22 -6.71 9.78 -21.67
N LEU A 23 -5.77 8.95 -22.12
CA LEU A 23 -4.53 8.66 -21.40
C LEU A 23 -3.52 9.78 -21.71
N VAL A 24 -3.06 10.47 -20.68
CA VAL A 24 -2.15 11.58 -20.90
C VAL A 24 -0.72 11.38 -20.42
N GLU A 25 -0.54 10.76 -19.26
CA GLU A 25 0.80 10.61 -18.74
C GLU A 25 1.12 9.23 -18.17
N ARG A 26 2.26 8.68 -18.56
CA ARG A 26 2.69 7.37 -18.07
C ARG A 26 3.24 7.57 -16.65
N LEU A 27 2.65 6.89 -15.69
CA LEU A 27 3.10 6.97 -14.31
C LEU A 27 4.03 5.77 -13.99
N GLY A 28 4.01 4.74 -14.84
CA GLY A 28 4.85 3.57 -14.62
C GLY A 28 4.53 2.47 -15.64
N ALA A 29 5.56 1.82 -16.18
CA ALA A 29 5.38 0.75 -17.19
C ALA A 29 5.89 -0.59 -16.66
N GLY A 30 6.04 -1.58 -17.56
CA GLY A 30 6.53 -2.84 -17.08
C GLY A 30 6.01 -4.15 -17.63
N GLN A 31 6.11 -5.11 -16.73
CA GLN A 31 5.71 -6.51 -16.90
C GLN A 31 4.36 -6.93 -17.57
N PHE A 32 3.29 -6.72 -16.80
CA PHE A 32 1.86 -7.03 -17.10
C PHE A 32 1.05 -5.85 -17.63
N GLY A 33 1.76 -4.74 -17.92
CA GLY A 33 1.14 -3.52 -18.43
C GLY A 33 1.72 -2.21 -17.95
N GLU A 34 0.91 -1.16 -17.98
CA GLU A 34 1.36 0.15 -17.54
C GLU A 34 0.28 0.87 -16.75
N VAL A 35 0.67 2.03 -16.21
CA VAL A 35 -0.21 2.86 -15.42
C VAL A 35 -0.13 4.29 -15.92
N TRP A 36 -1.28 4.82 -16.31
CA TRP A 36 -1.37 6.17 -16.84
C TRP A 36 -2.29 7.10 -16.05
N MET A 37 -1.95 8.37 -16.07
CA MET A 37 -2.78 9.40 -15.45
C MET A 37 -3.58 9.85 -16.67
N GLY A 38 -4.88 10.04 -16.51
CA GLY A 38 -5.68 10.44 -17.65
C GLY A 38 -6.94 11.19 -17.26
N TYR A 39 -7.86 11.33 -18.23
CA TYR A 39 -9.11 12.03 -17.99
C TYR A 39 -10.31 11.21 -18.45
N TYR A 40 -11.37 11.31 -17.65
CA TYR A 40 -12.62 10.65 -17.94
C TYR A 40 -13.59 11.74 -18.32
N ASN A 41 -14.05 11.72 -19.56
CA ASN A 41 -14.99 12.74 -20.02
C ASN A 41 -14.44 14.14 -19.86
N GLY A 42 -13.14 14.29 -20.11
CA GLY A 42 -12.49 15.57 -20.03
C GLY A 42 -12.20 16.23 -18.69
N HIS A 43 -13.23 16.38 -17.86
CA HIS A 43 -13.07 17.06 -16.57
C HIS A 43 -12.61 16.25 -15.39
N THR A 44 -12.72 14.93 -15.44
CA THR A 44 -12.33 14.13 -14.29
C THR A 44 -11.03 13.35 -14.38
N LYS A 45 -10.04 13.73 -13.56
CA LYS A 45 -8.75 13.03 -13.54
C LYS A 45 -8.88 11.60 -13.03
N VAL A 46 -8.22 10.68 -13.71
CA VAL A 46 -8.27 9.26 -13.34
C VAL A 46 -6.92 8.58 -13.53
N ALA A 47 -6.80 7.39 -12.96
CA ALA A 47 -5.59 6.59 -13.09
C ALA A 47 -6.05 5.38 -13.87
N VAL A 48 -5.22 4.89 -14.78
CA VAL A 48 -5.59 3.76 -15.61
C VAL A 48 -4.53 2.67 -15.71
N LYS A 49 -4.88 1.46 -15.30
CA LYS A 49 -3.95 0.32 -15.39
C LYS A 49 -4.36 -0.45 -16.64
N SER A 50 -3.43 -0.59 -17.60
CA SER A 50 -3.71 -1.30 -18.83
C SER A 50 -2.90 -2.59 -18.89
N LEU A 51 -3.59 -3.65 -19.34
CA LEU A 51 -2.99 -4.98 -19.44
C LEU A 51 -2.16 -5.17 -20.70
N LYS A 52 -0.95 -5.68 -20.50
CA LYS A 52 -0.08 -5.95 -21.64
C LYS A 52 -0.60 -7.26 -22.19
N GLN A 53 -1.15 -7.21 -23.40
CA GLN A 53 -1.73 -8.39 -24.02
C GLN A 53 -0.83 -9.63 -23.87
N GLY A 54 -1.45 -10.79 -23.64
CA GLY A 54 -0.70 -12.02 -23.51
C GLY A 54 0.26 -12.08 -22.34
N SER A 55 0.47 -10.95 -21.65
CA SER A 55 1.37 -10.88 -20.50
C SER A 55 0.81 -11.65 -19.32
N MET A 56 -0.50 -11.87 -19.34
CA MET A 56 -1.20 -12.58 -18.27
C MET A 56 -2.64 -12.60 -18.68
N SER A 57 -3.39 -13.58 -18.18
CA SER A 57 -4.80 -13.73 -18.52
C SER A 57 -5.68 -12.55 -18.20
N PRO A 58 -6.57 -12.18 -19.14
CA PRO A 58 -7.51 -11.07 -18.95
C PRO A 58 -8.28 -11.28 -17.65
N ASP A 59 -8.78 -12.49 -17.46
CA ASP A 59 -9.52 -12.83 -16.24
C ASP A 59 -8.63 -12.68 -15.02
N ALA A 60 -7.38 -13.09 -15.16
CA ALA A 60 -6.43 -12.97 -14.07
C ALA A 60 -6.30 -11.49 -13.78
N PHE A 61 -6.13 -10.69 -14.83
CA PHE A 61 -5.99 -9.24 -14.71
C PHE A 61 -7.21 -8.63 -14.04
N LEU A 62 -8.38 -9.01 -14.54
CA LEU A 62 -9.65 -8.48 -14.04
C LEU A 62 -10.10 -8.96 -12.66
N ALA A 63 -9.42 -9.94 -12.07
CA ALA A 63 -9.81 -10.41 -10.73
C ALA A 63 -9.53 -9.32 -9.69
N GLU A 64 -8.53 -8.49 -9.96
CA GLU A 64 -8.18 -7.40 -9.05
C GLU A 64 -9.33 -6.41 -8.90
N ALA A 65 -9.96 -6.06 -10.02
CA ALA A 65 -11.10 -5.13 -10.04
C ALA A 65 -12.32 -5.73 -9.35
N ASN A 66 -12.55 -7.03 -9.58
CA ASN A 66 -13.69 -7.70 -8.94
C ASN A 66 -13.47 -7.63 -7.44
N LEU A 67 -12.22 -7.68 -7.04
CA LEU A 67 -11.89 -7.60 -5.63
C LEU A 67 -12.15 -6.20 -5.07
N MET A 68 -11.71 -5.18 -5.80
CA MET A 68 -11.89 -3.80 -5.34
C MET A 68 -13.37 -3.42 -5.27
N LYS A 69 -14.21 -4.17 -5.97
CA LYS A 69 -15.65 -3.93 -5.96
C LYS A 69 -16.22 -4.19 -4.56
N GLN A 70 -15.64 -5.15 -3.85
CA GLN A 70 -16.07 -5.52 -2.51
C GLN A 70 -15.26 -4.82 -1.43
N LEU A 71 -14.31 -3.98 -1.84
CA LEU A 71 -13.47 -3.29 -0.88
C LEU A 71 -13.42 -1.79 -1.11
N GLN A 72 -14.58 -1.15 -1.01
CA GLN A 72 -14.63 0.27 -1.23
C GLN A 72 -14.60 0.97 0.12
N HIS A 73 -13.67 1.90 0.23
CA HIS A 73 -13.51 2.67 1.46
C HIS A 73 -12.67 3.92 1.13
N GLN A 74 -12.93 5.01 1.85
CA GLN A 74 -12.22 6.28 1.63
C GLN A 74 -10.71 6.20 1.88
N ARG A 75 -10.31 5.22 2.68
CA ARG A 75 -8.89 5.03 2.99
C ARG A 75 -8.26 4.01 2.02
N LEU A 76 -8.99 3.67 0.96
CA LEU A 76 -8.52 2.73 -0.07
C LEU A 76 -8.80 3.26 -1.49
N VAL A 77 -7.88 3.01 -2.42
CA VAL A 77 -8.06 3.46 -3.81
C VAL A 77 -9.39 2.95 -4.35
N ARG A 78 -10.25 3.87 -4.78
CA ARG A 78 -11.57 3.54 -5.29
C ARG A 78 -11.60 3.14 -6.78
N LEU A 79 -12.28 2.02 -7.06
CA LEU A 79 -12.45 1.53 -8.43
C LEU A 79 -13.49 2.42 -9.11
N TYR A 80 -13.20 2.85 -10.34
CA TYR A 80 -14.10 3.71 -11.11
C TYR A 80 -14.86 2.92 -12.19
N ALA A 81 -14.11 2.12 -12.95
CA ALA A 81 -14.68 1.32 -14.03
C ALA A 81 -13.62 0.41 -14.63
N VAL A 82 -14.02 -0.31 -15.67
CA VAL A 82 -13.12 -1.18 -16.40
C VAL A 82 -13.53 -1.21 -17.87
N VAL A 83 -12.60 -1.65 -18.72
CA VAL A 83 -12.83 -1.81 -20.15
C VAL A 83 -12.35 -3.23 -20.38
N THR A 84 -13.26 -4.12 -20.73
CA THR A 84 -12.93 -5.53 -20.91
C THR A 84 -12.75 -6.06 -22.33
N GLN A 85 -12.26 -5.20 -23.23
CA GLN A 85 -11.96 -5.59 -24.60
C GLN A 85 -10.52 -5.13 -24.79
N GLU A 86 -9.62 -6.05 -25.13
CA GLU A 86 -8.19 -5.71 -25.28
C GLU A 86 -7.93 -4.41 -26.03
N PRO A 87 -7.02 -3.56 -25.51
CA PRO A 87 -6.25 -3.76 -24.29
C PRO A 87 -7.11 -3.47 -23.06
N ILE A 88 -7.18 -4.44 -22.16
CA ILE A 88 -8.00 -4.34 -20.95
C ILE A 88 -7.53 -3.25 -19.98
N TYR A 89 -8.47 -2.45 -19.50
CA TYR A 89 -8.15 -1.38 -18.55
C TYR A 89 -8.92 -1.54 -17.24
N ILE A 90 -8.38 -0.92 -16.20
CA ILE A 90 -9.00 -0.85 -14.89
C ILE A 90 -8.77 0.62 -14.56
N ILE A 91 -9.83 1.35 -14.28
CA ILE A 91 -9.70 2.78 -13.98
C ILE A 91 -10.05 3.07 -12.52
N THR A 92 -9.25 3.90 -11.86
CA THR A 92 -9.49 4.26 -10.46
C THR A 92 -9.36 5.76 -10.29
N GLU A 93 -9.56 6.24 -9.06
CA GLU A 93 -9.42 7.66 -8.77
C GLU A 93 -7.94 7.99 -8.88
N TYR A 94 -7.63 9.27 -8.98
CA TYR A 94 -6.26 9.70 -9.13
C TYR A 94 -5.69 10.49 -7.94
N MET A 95 -4.66 9.93 -7.31
CA MET A 95 -3.99 10.56 -6.16
C MET A 95 -2.90 11.45 -6.71
N GLU A 96 -2.98 12.75 -6.47
CA GLU A 96 -2.02 13.67 -7.04
C GLU A 96 -0.57 13.68 -6.56
N ASN A 97 -0.34 13.32 -5.30
CA ASN A 97 1.02 13.35 -4.76
C ASN A 97 1.83 12.07 -4.88
N GLY A 98 1.31 11.11 -5.65
CA GLY A 98 2.02 9.85 -5.87
C GLY A 98 2.20 8.90 -4.73
N SER A 99 3.29 8.12 -4.78
CA SER A 99 3.59 7.15 -3.75
C SER A 99 4.19 7.82 -2.52
N LEU A 100 3.89 7.27 -1.36
CA LEU A 100 4.37 7.81 -0.10
C LEU A 100 5.90 7.81 -0.05
N VAL A 101 6.50 6.74 -0.58
CA VAL A 101 7.95 6.64 -0.58
C VAL A 101 8.59 7.79 -1.36
N ASP A 102 7.94 8.19 -2.46
CA ASP A 102 8.45 9.28 -3.27
C ASP A 102 8.08 10.64 -2.67
N PHE A 103 6.85 10.76 -2.18
CA PHE A 103 6.41 12.01 -1.59
C PHE A 103 7.25 12.43 -0.39
N LEU A 104 7.60 11.47 0.46
CA LEU A 104 8.40 11.79 1.64
C LEU A 104 9.77 12.36 1.28
N LYS A 105 10.13 12.35 0.00
CA LYS A 105 11.43 12.87 -0.43
C LYS A 105 11.35 14.18 -1.19
N THR A 106 10.14 14.64 -1.46
CA THR A 106 9.98 15.89 -2.18
C THR A 106 10.24 17.02 -1.19
N PRO A 107 10.52 18.23 -1.70
CA PRO A 107 10.79 19.37 -0.82
C PRO A 107 9.74 19.46 0.30
N SER A 108 8.49 19.11 -0.01
CA SER A 108 7.38 19.14 0.96
C SER A 108 7.49 17.98 1.95
N GLY A 109 7.51 16.76 1.43
CA GLY A 109 7.60 15.59 2.28
C GLY A 109 8.73 15.64 3.29
N ILE A 110 9.90 16.11 2.85
CA ILE A 110 11.07 16.23 3.73
C ILE A 110 10.80 17.12 4.93
N LYS A 111 9.98 18.16 4.74
CA LYS A 111 9.69 19.09 5.83
C LYS A 111 8.53 18.67 6.74
N LEU A 112 7.95 17.50 6.49
CA LEU A 112 6.83 17.03 7.31
C LEU A 112 7.24 16.75 8.76
N THR A 113 6.46 17.27 9.71
CA THR A 113 6.74 17.09 11.14
C THR A 113 6.39 15.67 11.60
N ILE A 114 6.84 15.32 12.81
CA ILE A 114 6.54 14.01 13.35
C ILE A 114 5.03 13.89 13.58
N ASN A 115 4.37 15.03 13.79
CA ASN A 115 2.93 15.04 14.01
C ASN A 115 2.14 14.61 12.76
N LYS A 116 2.57 15.10 11.61
CA LYS A 116 1.93 14.80 10.34
C LYS A 116 2.19 13.37 9.96
N LEU A 117 3.40 12.90 10.25
CA LEU A 117 3.79 11.54 9.92
C LEU A 117 2.98 10.52 10.71
N LEU A 118 2.77 10.78 11.99
CA LEU A 118 2.00 9.90 12.84
C LEU A 118 0.56 9.91 12.33
N ASP A 119 0.10 11.09 11.93
CA ASP A 119 -1.24 11.25 11.37
C ASP A 119 -1.38 10.28 10.18
N MET A 120 -0.51 10.43 9.19
CA MET A 120 -0.55 9.55 8.01
C MET A 120 -0.46 8.07 8.38
N ALA A 121 0.29 7.75 9.42
CA ALA A 121 0.43 6.36 9.86
C ALA A 121 -0.91 5.83 10.36
N ALA A 122 -1.60 6.65 11.15
CA ALA A 122 -2.91 6.29 11.69
C ALA A 122 -3.88 6.09 10.53
N GLN A 123 -3.80 6.98 9.54
CA GLN A 123 -4.65 6.92 8.36
C GLN A 123 -4.53 5.56 7.66
N ILE A 124 -3.29 5.12 7.48
CA ILE A 124 -3.01 3.85 6.83
C ILE A 124 -3.51 2.70 7.72
N ALA A 125 -3.34 2.85 9.03
CA ALA A 125 -3.79 1.84 9.98
C ALA A 125 -5.32 1.74 9.90
N GLU A 126 -5.96 2.89 9.68
CA GLU A 126 -7.42 2.97 9.56
C GLU A 126 -7.83 2.14 8.34
N GLY A 127 -7.17 2.38 7.22
CA GLY A 127 -7.47 1.63 6.02
C GLY A 127 -7.22 0.15 6.23
N MET A 128 -6.14 -0.20 6.94
CA MET A 128 -5.85 -1.61 7.19
C MET A 128 -6.89 -2.20 8.15
N ALA A 129 -7.49 -1.36 9.00
CA ALA A 129 -8.51 -1.81 9.95
C ALA A 129 -9.76 -2.24 9.18
N PHE A 130 -10.10 -1.51 8.12
CA PHE A 130 -11.24 -1.84 7.28
C PHE A 130 -10.97 -3.17 6.57
N ILE A 131 -9.76 -3.29 6.02
CA ILE A 131 -9.35 -4.51 5.35
C ILE A 131 -9.46 -5.69 6.30
N GLU A 132 -9.01 -5.48 7.54
CA GLU A 132 -9.04 -6.51 8.58
C GLU A 132 -10.49 -6.94 8.84
N GLU A 133 -11.37 -5.95 8.95
CA GLU A 133 -12.78 -6.20 9.21
C GLU A 133 -13.45 -6.98 8.09
N ARG A 134 -12.90 -6.92 6.88
CA ARG A 134 -13.49 -7.62 5.74
C ARG A 134 -12.86 -8.98 5.49
N ASN A 135 -11.94 -9.38 6.36
CA ASN A 135 -11.25 -10.66 6.23
C ASN A 135 -10.47 -10.75 4.92
N TYR A 136 -9.74 -9.68 4.63
CA TYR A 136 -8.90 -9.64 3.44
C TYR A 136 -7.45 -9.51 3.92
N ILE A 137 -6.50 -9.90 3.07
CA ILE A 137 -5.10 -9.77 3.43
C ILE A 137 -4.41 -9.05 2.28
N HIS A 138 -3.66 -8.00 2.62
CA HIS A 138 -2.98 -7.19 1.62
C HIS A 138 -1.79 -7.90 1.01
N ARG A 139 -0.97 -8.49 1.88
CA ARG A 139 0.22 -9.23 1.45
C ARG A 139 1.44 -8.39 1.03
N ASP A 140 1.28 -7.09 0.81
CA ASP A 140 2.42 -6.29 0.38
C ASP A 140 2.34 -4.86 0.93
N LEU A 141 1.97 -4.75 2.20
CA LEU A 141 1.85 -3.44 2.84
C LEU A 141 3.17 -2.74 3.06
N ARG A 142 3.49 -1.79 2.19
CA ARG A 142 4.71 -1.02 2.27
C ARG A 142 4.47 0.39 1.70
N ALA A 143 5.35 1.34 2.03
CA ALA A 143 5.20 2.72 1.56
C ALA A 143 5.03 2.82 0.05
N ALA A 144 5.65 1.89 -0.67
CA ALA A 144 5.55 1.88 -2.13
C ALA A 144 4.10 1.67 -2.58
N ASN A 145 3.28 1.04 -1.74
CA ASN A 145 1.88 0.80 -2.09
C ASN A 145 0.91 1.72 -1.35
N ILE A 146 1.39 2.89 -0.95
CA ILE A 146 0.56 3.87 -0.28
C ILE A 146 0.57 5.13 -1.14
N LEU A 147 -0.62 5.61 -1.48
CA LEU A 147 -0.74 6.81 -2.29
C LEU A 147 -1.13 8.00 -1.42
N VAL A 148 -0.63 9.18 -1.81
CA VAL A 148 -0.88 10.42 -1.09
C VAL A 148 -1.73 11.36 -1.97
N SER A 149 -2.73 12.00 -1.37
CA SER A 149 -3.61 12.92 -2.09
C SER A 149 -3.06 14.35 -2.00
N ASP A 150 -3.70 15.30 -2.69
CA ASP A 150 -3.26 16.69 -2.68
C ASP A 150 -3.49 17.31 -1.29
N THR A 151 -4.48 16.80 -0.56
CA THR A 151 -4.75 17.29 0.78
C THR A 151 -3.91 16.53 1.82
N LEU A 152 -2.93 15.78 1.33
CA LEU A 152 -2.02 14.98 2.15
C LEU A 152 -2.71 13.94 3.02
N SER A 153 -3.63 13.19 2.40
CA SER A 153 -4.33 12.11 3.06
C SER A 153 -3.81 10.84 2.38
N CYS A 154 -3.84 9.71 3.07
CA CYS A 154 -3.32 8.47 2.50
C CYS A 154 -4.38 7.44 2.14
N LYS A 155 -4.08 6.64 1.12
CA LYS A 155 -4.95 5.56 0.70
C LYS A 155 -4.12 4.33 0.36
N ILE A 156 -4.64 3.17 0.73
CA ILE A 156 -3.95 1.91 0.45
C ILE A 156 -4.17 1.55 -1.02
N ALA A 157 -3.13 1.02 -1.65
CA ALA A 157 -3.17 0.58 -3.03
C ALA A 157 -2.32 -0.70 -3.14
N ASP A 158 -2.22 -1.24 -4.34
CA ASP A 158 -1.44 -2.46 -4.58
C ASP A 158 -1.14 -2.52 -6.07
N PHE A 159 0.09 -2.15 -6.39
CA PHE A 159 0.57 -2.13 -7.75
C PHE A 159 0.99 -3.53 -8.25
N GLY A 160 0.75 -4.54 -7.41
CA GLY A 160 1.06 -5.92 -7.79
C GLY A 160 2.44 -6.05 -8.39
N LEU A 161 3.41 -5.74 -7.54
CA LEU A 161 4.80 -5.76 -7.88
C LEU A 161 5.61 -6.76 -7.00
N LYS A 177 8.20 -14.29 -5.11
CA LYS A 177 9.23 -13.87 -4.17
C LYS A 177 8.89 -12.54 -3.51
N PHE A 178 8.45 -12.66 -2.24
CA PHE A 178 8.16 -11.48 -1.41
C PHE A 178 9.51 -11.13 -0.78
N PRO A 179 10.19 -10.04 -1.30
CA PRO A 179 11.47 -9.42 -0.95
C PRO A 179 11.97 -9.42 0.53
N ILE A 180 11.61 -10.38 1.39
CA ILE A 180 12.18 -10.34 2.76
C ILE A 180 11.97 -9.15 3.77
N LYS A 181 12.71 -8.05 3.61
CA LYS A 181 12.63 -6.88 4.54
C LYS A 181 11.25 -6.43 5.11
N TRP A 182 10.18 -6.68 4.35
CA TRP A 182 8.85 -6.33 4.84
C TRP A 182 8.04 -7.57 5.22
N THR A 183 8.54 -8.73 4.82
CA THR A 183 7.85 -9.99 5.06
C THR A 183 8.21 -10.67 6.38
N ALA A 184 7.19 -11.00 7.16
CA ALA A 184 7.37 -11.64 8.46
C ALA A 184 7.95 -13.06 8.31
N PRO A 185 8.63 -13.56 9.35
CA PRO A 185 9.27 -14.89 9.40
C PRO A 185 8.39 -16.05 8.91
N GLU A 186 7.24 -16.27 9.55
CA GLU A 186 6.35 -17.36 9.16
C GLU A 186 5.87 -17.27 7.70
N ALA A 187 5.95 -16.07 7.12
CA ALA A 187 5.54 -15.88 5.72
C ALA A 187 6.69 -16.28 4.83
N ILE A 188 7.89 -15.83 5.16
CA ILE A 188 9.07 -16.16 4.37
C ILE A 188 9.36 -17.65 4.42
N ASN A 189 9.10 -18.25 5.58
CA ASN A 189 9.39 -19.66 5.81
C ASN A 189 8.29 -20.68 5.51
N TYR A 190 7.02 -20.28 5.63
CA TYR A 190 5.93 -21.20 5.35
C TYR A 190 4.97 -20.68 4.25
N GLY A 191 5.26 -19.48 3.76
CA GLY A 191 4.40 -18.90 2.73
C GLY A 191 3.01 -18.61 3.27
N THR A 192 2.87 -18.63 4.59
CA THR A 192 1.57 -18.36 5.21
C THR A 192 1.35 -16.86 5.47
N PHE A 193 0.42 -16.28 4.72
CA PHE A 193 0.10 -14.86 4.87
C PHE A 193 -1.26 -14.63 5.52
N THR A 194 -1.28 -13.73 6.49
CA THR A 194 -2.50 -13.39 7.22
C THR A 194 -2.49 -11.91 7.50
N ILE A 195 -3.52 -11.43 8.18
CA ILE A 195 -3.59 -10.01 8.50
C ILE A 195 -2.51 -9.72 9.54
N LYS A 196 -2.01 -10.79 10.18
CA LYS A 196 -0.95 -10.68 11.19
C LYS A 196 0.43 -10.42 10.57
N SER A 197 0.61 -10.84 9.31
CA SER A 197 1.87 -10.57 8.60
C SER A 197 1.79 -9.15 8.02
N ASP A 198 0.58 -8.65 7.78
CA ASP A 198 0.43 -7.27 7.31
C ASP A 198 0.83 -6.38 8.48
N VAL A 199 0.45 -6.81 9.69
CA VAL A 199 0.80 -6.06 10.88
C VAL A 199 2.33 -5.92 10.99
N TRP A 200 3.05 -6.97 10.60
CA TRP A 200 4.51 -6.95 10.64
C TRP A 200 5.04 -5.98 9.59
N SER A 201 4.50 -6.11 8.38
CA SER A 201 4.88 -5.28 7.25
C SER A 201 4.61 -3.83 7.63
N PHE A 202 3.49 -3.62 8.30
CA PHE A 202 3.11 -2.27 8.75
C PHE A 202 4.19 -1.68 9.67
N GLY A 203 4.70 -2.51 10.59
CA GLY A 203 5.72 -2.07 11.51
C GLY A 203 6.92 -1.55 10.74
N ILE A 204 7.20 -2.23 9.63
CA ILE A 204 8.31 -1.87 8.75
C ILE A 204 7.94 -0.57 8.03
N LEU A 205 6.69 -0.46 7.60
CA LEU A 205 6.21 0.73 6.90
C LEU A 205 6.45 1.95 7.77
N LEU A 206 6.29 1.77 9.08
CA LEU A 206 6.51 2.84 10.05
C LEU A 206 7.96 3.36 10.02
N THR A 207 8.92 2.49 9.69
CA THR A 207 10.31 2.92 9.64
C THR A 207 10.52 3.81 8.42
N GLU A 208 9.85 3.45 7.34
CA GLU A 208 9.91 4.22 6.10
C GLU A 208 9.30 5.58 6.34
N ILE A 209 8.16 5.63 7.02
CA ILE A 209 7.51 6.91 7.28
C ILE A 209 8.42 7.84 8.08
N VAL A 210 8.89 7.38 9.23
CA VAL A 210 9.73 8.18 10.10
C VAL A 210 11.10 8.59 9.53
N THR A 211 11.63 7.80 8.60
CA THR A 211 12.92 8.09 7.97
C THR A 211 12.71 8.71 6.60
N HIS A 212 11.50 9.22 6.36
CA HIS A 212 11.20 9.85 5.09
C HIS A 212 11.55 8.99 3.87
N GLY A 213 11.20 7.70 3.92
CA GLY A 213 11.44 6.84 2.77
C GLY A 213 12.67 5.98 2.64
N ARG A 214 13.57 6.01 3.60
CA ARG A 214 14.80 5.21 3.51
C ARG A 214 14.49 3.72 3.66
N ILE A 215 15.23 2.89 2.93
CA ILE A 215 15.04 1.45 3.00
C ILE A 215 15.25 0.90 4.41
N PRO A 216 14.39 -0.04 4.84
CA PRO A 216 14.50 -0.64 6.17
C PRO A 216 15.81 -1.43 6.33
N TYR A 217 16.28 -1.61 7.56
CA TYR A 217 17.52 -2.32 7.83
C TYR A 217 18.64 -1.73 6.95
N PRO A 218 19.01 -0.46 7.21
CA PRO A 218 20.05 0.30 6.49
C PRO A 218 21.38 -0.44 6.39
N GLY A 219 21.80 -0.75 5.17
CA GLY A 219 23.07 -1.43 4.96
C GLY A 219 23.13 -2.93 5.22
N MET A 220 21.99 -3.57 5.42
CA MET A 220 21.97 -5.02 5.66
C MET A 220 21.36 -5.73 4.46
N THR A 221 21.91 -6.89 4.11
CA THR A 221 21.39 -7.68 3.00
C THR A 221 20.27 -8.54 3.56
N ASN A 222 19.51 -9.18 2.68
CA ASN A 222 18.39 -9.99 3.14
C ASN A 222 18.82 -11.10 4.08
N PRO A 223 19.82 -11.91 3.67
CA PRO A 223 20.20 -12.98 4.62
C PRO A 223 20.68 -12.49 5.96
N GLU A 224 21.25 -11.29 6.02
CA GLU A 224 21.71 -10.73 7.29
C GLU A 224 20.47 -10.42 8.15
N VAL A 225 19.45 -9.86 7.49
CA VAL A 225 18.19 -9.52 8.16
C VAL A 225 17.55 -10.82 8.65
N ILE A 226 17.58 -11.84 7.80
CA ILE A 226 17.03 -13.15 8.14
C ILE A 226 17.68 -13.74 9.41
N GLN A 227 19.01 -13.75 9.46
CA GLN A 227 19.77 -14.28 10.60
C GLN A 227 19.52 -13.48 11.88
N ASN A 228 19.43 -12.15 11.74
CA ASN A 228 19.17 -11.30 12.89
C ASN A 228 17.79 -11.60 13.51
N LEU A 229 16.75 -11.66 12.70
CA LEU A 229 15.39 -11.94 13.19
C LEU A 229 15.31 -13.31 13.88
N GLU A 230 15.98 -14.31 13.31
CA GLU A 230 15.98 -15.64 13.92
C GLU A 230 16.61 -15.58 15.32
N ARG A 231 17.62 -14.72 15.49
CA ARG A 231 18.28 -14.61 16.80
C ARG A 231 17.41 -13.83 17.78
N GLY A 232 16.37 -13.19 17.28
CA GLY A 232 15.50 -12.43 18.15
C GLY A 232 15.77 -10.93 18.12
N TYR A 233 16.67 -10.54 17.23
CA TYR A 233 17.02 -9.13 17.05
C TYR A 233 15.97 -8.49 16.14
N ARG A 234 15.73 -7.20 16.33
CA ARG A 234 14.80 -6.49 15.47
C ARG A 234 15.60 -5.31 14.93
N MET A 235 15.03 -4.59 13.97
CA MET A 235 15.72 -3.45 13.37
C MET A 235 16.21 -2.45 14.40
N VAL A 236 17.38 -1.88 14.16
CA VAL A 236 17.94 -0.87 15.04
C VAL A 236 16.98 0.32 15.02
N ARG A 237 16.80 0.96 16.17
CA ARG A 237 15.94 2.15 16.27
C ARG A 237 16.32 3.12 15.15
N PRO A 238 15.39 3.47 14.25
CA PRO A 238 15.76 4.40 13.18
C PRO A 238 16.18 5.73 13.78
N ASP A 239 16.93 6.51 13.01
CA ASP A 239 17.36 7.83 13.49
C ASP A 239 16.16 8.77 13.73
N ASN A 240 16.24 9.52 14.83
CA ASN A 240 15.21 10.47 15.21
C ASN A 240 13.82 9.85 15.41
N CYS A 241 13.76 8.53 15.62
CA CYS A 241 12.48 7.87 15.81
C CYS A 241 12.00 7.92 17.27
N PRO A 242 10.80 8.47 17.50
CA PRO A 242 10.22 8.58 18.83
C PRO A 242 10.20 7.19 19.45
N GLU A 243 10.79 7.06 20.64
CA GLU A 243 10.87 5.78 21.31
C GLU A 243 9.51 5.11 21.49
N GLU A 244 8.45 5.89 21.70
CA GLU A 244 7.12 5.30 21.86
C GLU A 244 6.70 4.69 20.53
N LEU A 245 7.12 5.31 19.45
CA LEU A 245 6.80 4.82 18.13
C LEU A 245 7.60 3.54 17.91
N TYR A 246 8.86 3.56 18.35
CA TYR A 246 9.70 2.39 18.17
C TYR A 246 9.14 1.19 18.90
N GLN A 247 8.60 1.39 20.10
CA GLN A 247 8.04 0.30 20.87
C GLN A 247 6.75 -0.23 20.24
N LEU A 248 6.00 0.66 19.59
CA LEU A 248 4.78 0.24 18.93
C LEU A 248 5.21 -0.66 17.77
N MET A 249 6.31 -0.30 17.13
CA MET A 249 6.85 -1.11 16.02
C MET A 249 7.22 -2.48 16.57
N ARG A 250 7.76 -2.51 17.78
CA ARG A 250 8.17 -3.77 18.38
C ARG A 250 6.99 -4.75 18.51
N LEU A 251 5.80 -4.22 18.83
CA LEU A 251 4.61 -5.07 18.95
C LEU A 251 4.28 -5.72 17.62
N CYS A 252 4.48 -4.97 16.54
CA CYS A 252 4.19 -5.48 15.21
C CYS A 252 5.16 -6.59 14.83
N TRP A 253 6.30 -6.60 15.50
CA TRP A 253 7.31 -7.59 15.19
C TRP A 253 7.39 -8.74 16.21
N LYS A 254 6.29 -9.02 16.90
CA LYS A 254 6.32 -10.13 17.84
C LYS A 254 6.44 -11.47 17.13
N GLU A 255 7.23 -12.36 17.73
CA GLU A 255 7.48 -13.70 17.20
C GLU A 255 6.20 -14.41 16.78
N ARG A 256 5.28 -14.61 17.72
CA ARG A 256 4.03 -15.29 17.43
C ARG A 256 3.07 -14.34 16.73
N PRO A 257 2.52 -14.75 15.59
CA PRO A 257 1.59 -13.89 14.85
C PRO A 257 0.39 -13.50 15.72
N GLU A 258 -0.04 -14.40 16.60
CA GLU A 258 -1.18 -14.12 17.44
C GLU A 258 -0.91 -13.09 18.54
N ASP A 259 0.35 -12.75 18.75
CA ASP A 259 0.66 -11.75 19.77
C ASP A 259 0.77 -10.34 19.19
N ARG A 260 0.77 -10.23 17.87
CA ARG A 260 0.84 -8.92 17.23
C ARG A 260 -0.55 -8.30 17.38
N PRO A 261 -0.62 -6.96 17.51
CA PRO A 261 -1.91 -6.30 17.67
C PRO A 261 -2.79 -6.22 16.41
N THR A 262 -4.00 -5.70 16.58
CA THR A 262 -4.94 -5.53 15.47
C THR A 262 -4.69 -4.13 14.93
N PHE A 263 -5.22 -3.86 13.74
CA PHE A 263 -5.05 -2.54 13.14
C PHE A 263 -5.90 -1.50 13.84
N ASP A 264 -7.01 -1.92 14.46
CA ASP A 264 -7.86 -0.97 15.18
C ASP A 264 -7.07 -0.49 16.39
N TYR A 265 -6.36 -1.40 17.05
CA TYR A 265 -5.56 -1.00 18.19
C TYR A 265 -4.44 -0.05 17.72
N LEU A 266 -3.73 -0.47 16.68
CA LEU A 266 -2.65 0.34 16.12
C LEU A 266 -3.12 1.75 15.73
N ARG A 267 -4.23 1.83 15.00
CA ARG A 267 -4.78 3.12 14.59
C ARG A 267 -5.03 3.91 15.88
N SER A 268 -5.63 3.22 16.83
CA SER A 268 -5.97 3.83 18.09
C SER A 268 -4.80 4.44 18.87
N VAL A 269 -3.67 3.75 18.92
CA VAL A 269 -2.53 4.29 19.62
C VAL A 269 -1.94 5.45 18.83
N LEU A 270 -1.79 5.25 17.52
CA LEU A 270 -1.24 6.29 16.67
C LEU A 270 -2.05 7.58 16.79
N GLU A 271 -3.37 7.49 16.88
CA GLU A 271 -4.17 8.70 17.00
C GLU A 271 -3.85 9.42 18.30
N ASP A 272 -3.49 8.66 19.32
CA ASP A 272 -3.14 9.26 20.60
C ASP A 272 -1.79 9.95 20.56
N PHE A 273 -0.80 9.32 19.93
CA PHE A 273 0.52 9.94 19.84
C PHE A 273 0.35 11.22 19.05
N PHE A 274 -0.43 11.12 17.98
CA PHE A 274 -0.69 12.24 17.11
C PHE A 274 -1.37 13.37 17.88
N THR A 275 -2.42 13.07 18.65
CA THR A 275 -3.10 14.14 19.38
C THR A 275 -2.35 14.60 20.62
N ALA A 276 -1.17 14.02 20.87
CA ALA A 276 -0.36 14.42 22.00
C ALA A 276 0.76 15.30 21.45
N THR A 277 0.90 15.29 20.12
CA THR A 277 1.90 16.10 19.43
C THR A 277 1.16 17.18 18.63
#